data_8OHU
#
_entry.id   8OHU
#
_cell.length_a   83.046
_cell.length_b   44.669
_cell.length_c   137.173
_cell.angle_alpha   90.000
_cell.angle_beta   97.605
_cell.angle_gamma   90.000
#
_symmetry.space_group_name_H-M   'I 1 2 1'
#
loop_
_entity.id
_entity.type
_entity.pdbx_description
1 polymer 'beta-glucuronidase from Acidobacterium capsulatum'
2 non-polymer '(3S,4R,5R)-4,5-dihydroxypiperidine-3-carboxylic acid'
3 water water
#
_entity_poly.entity_id   1
_entity_poly.type   'polypeptide(L)'
_entity_poly.pdbx_seq_one_letter_code
;MAFARGGLAQTASQTTSSPVRVGLSVDASALGHTIPPDYTGLSYEQAQMANPNYFSGANTQLAGFLRTLGRQGVLRIGGN
TSEYTFWNRHAKPTAADEHLAAGPDKGHHAAAREVITPEAVNNLSEFLDKTGWKLIYGLNLGKGTPENAADEAAYVMETI
GADRLLAFQLGNEPDLFYRNGIRPASYDFAAYAGDWQRFFTAIRKRVPNAPFAGPDTAYNTKWLVPFADKFKHDVKFISS
HYYAEGPPTDPSMTIERLMKPNPRLLGETAGLKQVEADTGLPFRLTETNSCYQGGKQGVSDTFAAALWAGDLMYQQAAAG
STGINFHGGGYGWYTPVAGTPEDGFIARPEYYGMLLFAQAGAGQLLGAKLTDNSAAPLLTAYALRGTDGRTRIALFNKNL
DADVEVAISGVASPSGTVLRLEAPRADDTTDVTFGGAPVGASGSWSPLVQEYVPGHSGQFVLHMRKASGALLEFA
;
_entity_poly.pdbx_strand_id   AAA
#
# COMPACT_ATOMS: atom_id res chain seq x y z
N SER A 18 14.36 -30.48 -10.27
CA SER A 18 13.93 -31.38 -9.13
C SER A 18 12.76 -30.78 -8.35
N PRO A 19 11.67 -30.39 -9.02
CA PRO A 19 10.67 -29.55 -8.36
C PRO A 19 9.76 -30.32 -7.40
N VAL A 20 9.19 -29.64 -6.41
CA VAL A 20 8.07 -30.18 -5.62
C VAL A 20 6.81 -30.14 -6.50
N ARG A 21 6.16 -31.28 -6.70
CA ARG A 21 4.98 -31.36 -7.58
C ARG A 21 3.75 -31.12 -6.73
N VAL A 22 3.05 -30.01 -6.99
CA VAL A 22 1.87 -29.59 -6.19
C VAL A 22 0.67 -29.50 -7.14
N GLY A 23 -0.53 -29.62 -6.59
CA GLY A 23 -1.79 -29.41 -7.30
C GLY A 23 -2.42 -28.07 -6.91
N LEU A 24 -3.00 -27.45 -7.93
CA LEU A 24 -3.81 -26.23 -7.71
C LEU A 24 -5.14 -26.48 -8.39
N SER A 25 -6.19 -26.36 -7.61
CA SER A 25 -7.58 -26.57 -8.10
C SER A 25 -8.32 -25.24 -8.03
N VAL A 26 -8.72 -24.75 -9.19
CA VAL A 26 -9.50 -23.49 -9.26
C VAL A 26 -10.97 -23.87 -9.23
N ASP A 27 -11.76 -23.16 -8.47
CA ASP A 27 -13.23 -23.39 -8.36
C ASP A 27 -13.93 -22.09 -8.67
N ALA A 28 -14.47 -21.96 -9.88
CA ALA A 28 -15.24 -20.79 -10.35
C ALA A 28 -16.52 -20.57 -9.56
N SER A 29 -16.95 -21.57 -8.78
CA SER A 29 -18.18 -21.46 -7.94
C SER A 29 -17.87 -21.05 -6.53
N ALA A 30 -16.59 -20.95 -6.17
CA ALA A 30 -16.20 -20.62 -4.78
C ALA A 30 -15.90 -19.12 -4.77
N LEU A 31 -16.88 -18.28 -4.67
CA LEU A 31 -16.78 -16.82 -4.87
C LEU A 31 -16.21 -16.18 -3.62
N GLY A 32 -15.19 -15.38 -3.86
CA GLY A 32 -14.61 -14.52 -2.81
C GLY A 32 -14.99 -13.08 -3.03
N HIS A 33 -14.16 -12.20 -2.49
CA HIS A 33 -14.39 -10.74 -2.59
C HIS A 33 -14.09 -10.23 -4.00
N THR A 34 -14.77 -9.18 -4.39
CA THR A 34 -14.55 -8.42 -5.62
C THR A 34 -13.49 -7.35 -5.32
N ILE A 35 -12.39 -7.34 -6.03
CA ILE A 35 -11.30 -6.35 -5.86
C ILE A 35 -11.79 -5.07 -6.47
N PRO A 36 -11.80 -3.95 -5.70
CA PRO A 36 -12.21 -2.70 -6.31
C PRO A 36 -11.15 -2.10 -7.19
N PRO A 37 -11.51 -1.24 -8.17
CA PRO A 37 -10.53 -0.70 -9.11
C PRO A 37 -9.49 0.22 -8.44
N ASP A 38 -9.82 0.80 -7.29
CA ASP A 38 -8.89 1.71 -6.57
C ASP A 38 -8.26 1.00 -5.37
N TYR A 39 -8.05 -0.31 -5.48
CA TYR A 39 -7.40 -1.07 -4.39
C TYR A 39 -5.96 -0.59 -4.20
N THR A 40 -5.17 -0.45 -5.28
CA THR A 40 -3.77 -0.15 -5.09
C THR A 40 -3.56 1.24 -4.52
N GLY A 41 -2.33 1.45 -4.02
CA GLY A 41 -2.02 2.78 -3.51
C GLY A 41 -0.65 2.85 -2.91
N LEU A 42 -0.29 4.09 -2.60
CA LEU A 42 1.00 4.44 -2.03
C LEU A 42 0.78 5.38 -0.89
N SER A 43 1.71 5.41 0.07
CA SER A 43 1.72 6.34 1.21
C SER A 43 3.04 7.09 1.22
N TYR A 44 2.98 8.37 1.51
CA TYR A 44 4.13 9.27 1.60
C TYR A 44 4.03 10.13 2.87
N GLU A 45 5.18 10.64 3.28
CA GLU A 45 5.25 11.59 4.40
C GLU A 45 4.66 12.94 4.00
N GLN A 46 3.92 13.49 4.95
CA GLN A 46 3.31 14.85 4.83
C GLN A 46 4.41 15.86 4.61
N ALA A 47 5.60 15.69 5.19
CA ALA A 47 6.69 16.64 4.96
C ALA A 47 6.97 16.83 3.49
N GLN A 48 6.68 15.83 2.64
CA GLN A 48 7.01 16.00 1.20
C GLN A 48 6.18 17.12 0.57
N MET A 49 5.05 17.49 1.16
CA MET A 49 4.22 18.60 0.70
C MET A 49 4.94 19.94 0.88
N ALA A 50 6.02 20.02 1.59
CA ALA A 50 6.80 21.28 1.65
C ALA A 50 7.37 21.58 0.28
N ASN A 51 7.59 20.59 -0.57
CA ASN A 51 8.22 20.81 -1.89
C ASN A 51 7.14 20.84 -2.95
N PRO A 52 6.70 22.00 -3.49
CA PRO A 52 5.61 22.02 -4.46
C PRO A 52 5.96 21.37 -5.81
N ASN A 53 7.21 20.99 -6.02
CA ASN A 53 7.64 20.34 -7.28
C ASN A 53 7.46 18.82 -7.22
N TYR A 54 7.17 18.26 -6.05
CA TYR A 54 7.11 16.80 -5.88
C TYR A 54 5.75 16.28 -6.33
N PHE A 55 4.69 16.56 -5.57
CA PHE A 55 3.34 16.22 -6.07
C PHE A 55 2.85 17.36 -6.96
N SER A 56 3.27 17.34 -8.22
CA SER A 56 3.02 18.42 -9.16
C SER A 56 2.64 17.87 -10.51
N GLY A 57 1.80 18.58 -11.25
CA GLY A 57 1.55 18.20 -12.64
C GLY A 57 2.82 18.23 -13.47
N ALA A 58 3.84 18.94 -13.07
CA ALA A 58 5.13 18.94 -13.77
C ALA A 58 5.92 17.65 -13.50
N ASN A 59 5.58 16.91 -12.45
CA ASN A 59 6.36 15.70 -12.13
C ASN A 59 5.78 14.54 -12.94
N THR A 60 6.10 14.54 -14.23
CA THR A 60 5.57 13.54 -15.16
C THR A 60 6.17 12.16 -14.89
N GLN A 61 7.39 12.13 -14.38
CA GLN A 61 8.04 10.83 -14.12
C GLN A 61 7.26 10.09 -13.04
N LEU A 62 7.07 10.76 -11.91
CA LEU A 62 6.39 10.05 -10.78
C LEU A 62 4.96 9.75 -11.18
N ALA A 63 4.26 10.66 -11.88
CA ALA A 63 2.87 10.39 -12.33
C ALA A 63 2.81 9.12 -13.17
N GLY A 64 3.83 8.92 -14.03
CA GLY A 64 3.84 7.72 -14.88
C GLY A 64 4.01 6.45 -14.07
N PHE A 65 4.89 6.48 -13.04
CA PHE A 65 5.02 5.32 -12.16
C PHE A 65 3.69 5.00 -11.49
N LEU A 66 2.94 6.00 -11.07
CA LEU A 66 1.62 5.73 -10.41
C LEU A 66 0.65 5.14 -11.43
N ARG A 67 0.58 5.72 -12.63
CA ARG A 67 -0.40 5.22 -13.62
C ARG A 67 -0.13 3.75 -13.94
N THR A 68 1.14 3.37 -14.01
CA THR A 68 1.48 1.94 -14.30
C THR A 68 1.02 1.03 -13.15
N LEU A 69 0.98 1.52 -11.92
CA LEU A 69 0.49 0.71 -10.78
C LEU A 69 -1.04 0.61 -10.78
N GLY A 70 -1.72 1.55 -11.42
CA GLY A 70 -3.16 1.43 -11.55
C GLY A 70 -3.78 2.62 -12.21
N ARG A 71 -4.76 2.38 -13.07
CA ARG A 71 -5.54 3.45 -13.64
C ARG A 71 -6.36 4.13 -12.54
N GLN A 72 -6.70 3.42 -11.48
CA GLN A 72 -7.31 3.97 -10.25
C GLN A 72 -6.45 3.48 -9.08
N GLY A 73 -6.45 4.27 -8.04
CA GLY A 73 -5.63 4.00 -6.86
C GLY A 73 -5.73 5.15 -5.91
N VAL A 74 -5.07 5.04 -4.77
CA VAL A 74 -5.15 6.11 -3.75
C VAL A 74 -3.76 6.50 -3.32
N LEU A 75 -3.52 7.82 -3.27
CA LEU A 75 -2.33 8.41 -2.68
C LEU A 75 -2.69 8.83 -1.28
N ARG A 76 -2.02 8.29 -0.27
CA ARG A 76 -2.15 8.68 1.13
C ARG A 76 -0.95 9.51 1.54
N ILE A 77 -1.22 10.66 2.16
CA ILE A 77 -0.15 11.55 2.67
C ILE A 77 -0.33 11.62 4.16
N GLY A 78 0.67 11.33 4.96
CA GLY A 78 0.55 11.37 6.41
C GLY A 78 1.86 10.99 7.07
N GLY A 79 1.86 9.92 7.89
CA GLY A 79 3.09 9.48 8.53
C GLY A 79 3.48 10.30 9.72
N ASN A 80 4.61 9.97 10.28
CA ASN A 80 5.08 10.65 11.51
C ASN A 80 5.28 12.13 11.24
N THR A 81 5.66 12.50 10.02
CA THR A 81 5.94 13.92 9.73
C THR A 81 4.65 14.72 9.77
N SER A 82 3.47 14.11 9.73
CA SER A 82 2.18 14.87 9.79
C SER A 82 2.04 15.57 11.12
N GLU A 83 2.80 15.23 12.14
CA GLU A 83 2.69 15.97 13.43
C GLU A 83 3.65 17.16 13.47
N TYR A 84 4.52 17.27 12.48
CA TYR A 84 5.60 18.29 12.45
C TYR A 84 5.44 19.20 11.23
N THR A 85 4.37 19.07 10.50
CA THR A 85 4.09 19.81 9.28
C THR A 85 2.94 20.77 9.53
N PHE A 86 3.08 22.01 9.16
CA PHE A 86 2.15 23.12 9.49
C PHE A 86 1.71 23.86 8.24
N TRP A 87 0.46 23.71 7.89
CA TRP A 87 -0.18 24.52 6.84
C TRP A 87 -0.11 25.98 7.26
N ASN A 88 0.25 26.84 6.32
CA ASN A 88 0.18 28.29 6.53
C ASN A 88 -0.36 28.93 5.26
N ARG A 89 -1.57 29.43 5.32
CA ARG A 89 -2.24 30.05 4.16
C ARG A 89 -1.48 31.28 3.67
N HIS A 90 -0.62 31.83 4.52
CA HIS A 90 0.20 33.06 4.32
C HIS A 90 1.49 32.73 3.57
N ALA A 91 1.92 31.47 3.53
CA ALA A 91 3.31 31.13 3.16
C ALA A 91 3.51 30.87 1.67
N LYS A 92 4.77 31.04 1.26
CA LYS A 92 5.29 30.65 -0.10
C LYS A 92 6.46 29.71 0.13
N PRO A 93 6.71 28.73 -0.78
CA PRO A 93 7.79 27.79 -0.57
C PRO A 93 9.15 28.54 -0.53
N THR A 94 10.04 28.10 0.34
CA THR A 94 11.45 28.57 0.38
C THR A 94 12.31 27.85 -0.68
N ALA A 95 13.52 28.36 -0.92
CA ALA A 95 14.52 27.73 -1.83
C ALA A 95 14.82 26.30 -1.37
N ALA A 96 15.02 26.07 -0.09
CA ALA A 96 15.29 24.72 0.47
C ALA A 96 14.08 23.81 0.22
N ASP A 97 12.86 24.34 0.37
CA ASP A 97 11.64 23.51 0.22
C ASP A 97 11.65 22.98 -1.20
N GLU A 98 12.07 23.79 -2.17
CA GLU A 98 11.94 23.43 -3.60
C GLU A 98 12.87 22.24 -3.94
N HIS A 99 13.75 21.81 -3.06
CA HIS A 99 14.64 20.62 -3.29
C HIS A 99 14.41 19.52 -2.25
N LEU A 100 13.39 19.66 -1.38
CA LEU A 100 13.26 18.68 -0.28
C LEU A 100 12.79 17.33 -0.85
N ALA A 101 13.50 16.28 -0.43
CA ALA A 101 13.17 14.87 -0.70
C ALA A 101 12.90 14.19 0.64
N ALA A 102 11.63 14.05 1.01
CA ALA A 102 11.25 13.54 2.35
C ALA A 102 11.01 12.05 2.26
N GLY A 103 11.98 11.28 2.67
CA GLY A 103 11.80 9.84 2.72
C GLY A 103 11.04 9.45 3.97
N PRO A 104 10.70 8.15 4.08
CA PRO A 104 10.00 7.68 5.27
C PRO A 104 10.71 8.10 6.54
N ASP A 105 9.92 8.52 7.53
CA ASP A 105 10.51 8.93 8.80
C ASP A 105 11.09 7.70 9.50
N LYS A 106 12.26 7.87 10.13
CA LYS A 106 12.92 6.69 10.75
C LYS A 106 12.47 6.50 12.21
N GLY A 107 11.73 7.45 12.80
CA GLY A 107 11.03 7.28 14.10
C GLY A 107 11.98 7.27 15.30
N HIS A 108 13.19 7.81 15.16
CA HIS A 108 14.21 7.84 16.25
C HIS A 108 14.06 9.14 17.05
N HIS A 109 13.76 10.24 16.39
CA HIS A 109 13.63 11.55 17.06
C HIS A 109 12.61 12.39 16.30
N ALA A 110 12.32 13.56 16.84
CA ALA A 110 11.39 14.52 16.20
C ALA A 110 11.85 14.80 14.77
N ALA A 111 10.91 14.80 13.82
CA ALA A 111 11.15 15.30 12.47
C ALA A 111 11.34 16.82 12.50
N ALA A 112 11.97 17.36 11.49
CA ALA A 112 12.09 18.82 11.33
C ALA A 112 10.73 19.48 11.09
N ARG A 113 10.53 20.69 11.56
CA ARG A 113 9.29 21.45 11.30
C ARG A 113 9.24 21.77 9.81
N GLU A 114 8.12 21.57 9.13
CA GLU A 114 7.95 21.95 7.71
C GLU A 114 6.65 22.71 7.56
N VAL A 115 6.54 23.45 6.48
CA VAL A 115 5.38 24.30 6.18
C VAL A 115 4.75 23.85 4.89
N ILE A 116 3.43 23.74 4.84
CA ILE A 116 2.67 23.49 3.61
C ILE A 116 2.01 24.79 3.17
N THR A 117 2.15 25.07 1.89
CA THR A 117 1.69 26.32 1.26
C THR A 117 0.52 26.07 0.34
N PRO A 118 -0.26 27.12 0.01
CA PRO A 118 -1.29 27.01 -1.02
C PRO A 118 -0.71 26.44 -2.32
N GLU A 119 0.45 26.92 -2.70
CA GLU A 119 1.02 26.48 -4.00
C GLU A 119 1.16 24.97 -4.03
N ALA A 120 1.63 24.38 -2.90
CA ALA A 120 1.82 22.92 -2.84
C ALA A 120 0.47 22.20 -2.97
N VAL A 121 -0.57 22.72 -2.35
CA VAL A 121 -1.89 22.09 -2.51
C VAL A 121 -2.45 22.22 -3.93
N ASN A 122 -2.24 23.40 -4.53
CA ASN A 122 -2.65 23.60 -5.95
C ASN A 122 -1.93 22.57 -6.81
N ASN A 123 -0.65 22.37 -6.57
CA ASN A 123 0.12 21.44 -7.42
C ASN A 123 -0.31 20.01 -7.19
N LEU A 124 -0.63 19.67 -5.96
CA LEU A 124 -1.11 18.30 -5.61
C LEU A 124 -2.33 18.05 -6.44
N SER A 125 -3.26 19.01 -6.54
CA SER A 125 -4.50 18.79 -7.32
C SER A 125 -4.16 18.45 -8.78
N GLU A 126 -3.19 19.14 -9.35
CA GLU A 126 -2.76 18.86 -10.75
C GLU A 126 -2.16 17.46 -10.83
N PHE A 127 -1.38 17.05 -9.81
CA PHE A 127 -0.77 15.69 -9.81
C PHE A 127 -1.88 14.67 -9.78
N LEU A 128 -2.90 14.86 -8.98
CA LEU A 128 -4.04 13.91 -8.90
C LEU A 128 -4.76 13.90 -10.24
N ASP A 129 -4.85 15.03 -10.91
CA ASP A 129 -5.53 15.03 -12.23
C ASP A 129 -4.71 14.21 -13.25
N LYS A 130 -3.41 14.29 -13.20
CA LYS A 130 -2.54 13.57 -14.16
C LYS A 130 -2.59 12.08 -13.89
N THR A 131 -2.70 11.64 -12.65
CA THR A 131 -2.60 10.22 -12.26
C THR A 131 -3.96 9.59 -12.34
N GLY A 132 -5.03 10.34 -12.08
CA GLY A 132 -6.36 9.73 -11.88
C GLY A 132 -6.56 9.14 -10.49
N TRP A 133 -5.65 9.29 -9.52
CA TRP A 133 -5.75 8.69 -8.18
C TRP A 133 -6.55 9.60 -7.24
N LYS A 134 -7.08 9.02 -6.21
CA LYS A 134 -7.78 9.74 -5.15
C LYS A 134 -6.83 9.97 -3.97
N LEU A 135 -7.25 10.79 -3.02
CA LEU A 135 -6.35 11.31 -1.97
C LEU A 135 -6.89 10.99 -0.59
N ILE A 136 -5.99 10.53 0.29
CA ILE A 136 -6.19 10.52 1.77
C ILE A 136 -5.18 11.50 2.33
N TYR A 137 -5.66 12.49 3.06
CA TYR A 137 -4.81 13.62 3.48
C TYR A 137 -4.76 13.74 4.97
N GLY A 138 -3.57 13.69 5.56
CA GLY A 138 -3.38 13.81 6.98
C GLY A 138 -3.50 15.24 7.46
N LEU A 139 -4.08 15.48 8.60
CA LEU A 139 -4.11 16.78 9.27
C LEU A 139 -3.34 16.67 10.57
N ASN A 140 -2.85 17.79 11.05
CA ASN A 140 -1.92 17.81 12.18
C ASN A 140 -2.67 17.91 13.50
N LEU A 141 -3.05 16.76 14.05
CA LEU A 141 -3.66 16.68 15.38
C LEU A 141 -2.58 16.52 16.44
N GLY A 142 -1.42 15.98 16.12
CA GLY A 142 -0.43 15.80 17.19
C GLY A 142 0.04 17.13 17.72
N LYS A 143 0.33 18.12 16.91
CA LYS A 143 0.86 19.40 17.42
C LYS A 143 0.08 20.59 16.92
N GLY A 144 -0.78 20.50 15.91
CA GLY A 144 -1.44 21.70 15.37
C GLY A 144 -2.70 22.05 16.12
N THR A 145 -3.38 23.04 15.64
CA THR A 145 -4.64 23.52 16.23
C THR A 145 -5.84 23.03 15.45
N PRO A 146 -6.99 22.88 16.09
CA PRO A 146 -8.21 22.57 15.34
C PRO A 146 -8.52 23.61 14.27
N GLU A 147 -8.31 24.88 14.55
CA GLU A 147 -8.69 25.95 13.62
C GLU A 147 -7.76 25.90 12.40
N ASN A 148 -6.48 25.60 12.60
CA ASN A 148 -5.59 25.49 11.42
C ASN A 148 -5.89 24.21 10.62
N ALA A 149 -6.26 23.13 11.28
CA ALA A 149 -6.73 21.94 10.56
C ALA A 149 -7.96 22.26 9.73
N ALA A 150 -8.91 23.01 10.31
CA ALA A 150 -10.10 23.36 9.56
C ALA A 150 -9.72 24.19 8.35
N ASP A 151 -8.76 25.09 8.50
CA ASP A 151 -8.35 25.97 7.41
C ASP A 151 -7.65 25.17 6.29
N GLU A 152 -6.77 24.25 6.68
CA GLU A 152 -6.06 23.38 5.73
C GLU A 152 -7.12 22.52 4.99
N ALA A 153 -7.99 21.87 5.75
CA ALA A 153 -9.03 21.02 5.16
C ALA A 153 -9.85 21.84 4.16
N ALA A 154 -10.23 23.06 4.54
CA ALA A 154 -11.01 23.92 3.63
C ALA A 154 -10.26 24.16 2.34
N TYR A 155 -8.97 24.43 2.41
CA TYR A 155 -8.24 24.71 1.16
C TYR A 155 -8.09 23.46 0.32
N VAL A 156 -7.83 22.33 0.98
CA VAL A 156 -7.74 21.04 0.23
C VAL A 156 -9.09 20.76 -0.43
N MET A 157 -10.19 20.91 0.28
CA MET A 157 -11.50 20.65 -0.34
C MET A 157 -11.72 21.62 -1.50
N GLU A 158 -11.40 22.89 -1.31
CA GLU A 158 -11.57 23.94 -2.33
C GLU A 158 -10.83 23.57 -3.60
N THR A 159 -9.63 23.03 -3.48
CA THR A 159 -8.75 22.89 -4.65
C THR A 159 -8.76 21.46 -5.19
N ILE A 160 -8.81 20.47 -4.35
CA ILE A 160 -8.78 19.05 -4.81
C ILE A 160 -10.18 18.65 -5.14
N GLY A 161 -11.15 19.01 -4.34
CA GLY A 161 -12.54 18.73 -4.71
C GLY A 161 -13.04 17.44 -4.08
N ALA A 162 -14.31 17.34 -3.85
CA ALA A 162 -14.90 16.21 -3.16
C ALA A 162 -14.73 14.89 -3.94
N ASP A 163 -14.73 14.93 -5.25
CA ASP A 163 -14.62 13.67 -6.03
C ASP A 163 -13.27 13.00 -5.79
N ARG A 164 -12.21 13.77 -5.62
CA ARG A 164 -10.85 13.18 -5.53
C ARG A 164 -10.45 13.05 -4.08
N LEU A 165 -11.05 13.78 -3.17
N LEU A 165 -11.06 13.76 -3.13
CA LEU A 165 -10.65 13.62 -1.77
CA LEU A 165 -10.67 13.73 -1.68
C LEU A 165 -11.48 12.49 -1.17
C LEU A 165 -11.45 12.60 -0.98
N LEU A 166 -10.79 11.44 -0.78
CA LEU A 166 -11.43 10.26 -0.18
C LEU A 166 -11.63 10.47 1.32
N ALA A 167 -10.63 10.97 2.03
CA ALA A 167 -10.68 11.14 3.50
C ALA A 167 -9.59 12.05 4.00
N PHE A 168 -9.92 12.81 5.05
CA PHE A 168 -8.94 13.38 5.98
C PHE A 168 -8.72 12.41 7.11
N GLN A 169 -7.49 12.44 7.64
CA GLN A 169 -7.15 11.66 8.86
C GLN A 169 -6.60 12.58 9.92
N LEU A 170 -7.05 12.42 11.16
CA LEU A 170 -6.71 13.33 12.27
C LEU A 170 -5.66 12.66 13.14
N GLY A 171 -4.40 12.80 12.72
CA GLY A 171 -3.24 12.21 13.36
C GLY A 171 -2.87 10.89 12.73
N ASN A 172 -1.60 10.63 12.74
CA ASN A 172 -0.98 9.33 12.36
C ASN A 172 -0.60 8.57 13.61
N GLU A 173 -1.00 7.32 13.72
CA GLU A 173 -0.53 6.44 14.82
C GLU A 173 -0.61 7.17 16.18
N PRO A 174 -1.79 7.61 16.58
CA PRO A 174 -1.95 8.36 17.85
C PRO A 174 -1.61 7.51 19.08
N ASP A 175 -1.69 6.21 18.95
CA ASP A 175 -1.26 5.29 20.05
C ASP A 175 0.23 5.34 20.27
N LEU A 176 1.00 5.91 19.37
CA LEU A 176 2.48 6.04 19.51
C LEU A 176 2.88 7.49 19.69
N PHE A 177 1.95 8.39 19.98
CA PHE A 177 2.33 9.81 20.22
C PHE A 177 3.34 9.88 21.35
N TYR A 178 3.07 9.19 22.42
CA TYR A 178 3.99 9.19 23.60
C TYR A 178 5.40 8.71 23.24
N ARG A 179 5.47 7.56 22.58
CA ARG A 179 6.77 6.92 22.27
C ARG A 179 7.53 7.92 21.41
N ASN A 180 6.80 8.68 20.59
CA ASN A 180 7.46 9.68 19.72
C ASN A 180 7.63 11.03 20.46
N GLY A 181 7.19 11.19 21.71
CA GLY A 181 7.34 12.44 22.50
C GLY A 181 6.34 13.57 22.18
N ILE A 182 5.20 13.29 21.56
CA ILE A 182 4.13 14.22 21.08
C ILE A 182 3.01 14.41 22.13
N ARG A 183 2.81 13.42 22.99
CA ARG A 183 1.87 13.52 24.10
C ARG A 183 2.60 12.88 25.27
N PRO A 184 2.09 13.15 26.47
CA PRO A 184 2.57 12.51 27.69
C PRO A 184 2.19 11.02 27.71
N ALA A 185 2.83 10.28 28.62
CA ALA A 185 2.64 8.81 28.74
C ALA A 185 1.19 8.47 29.06
N SER A 186 0.46 9.37 29.65
CA SER A 186 -0.94 9.14 30.07
C SER A 186 -1.89 9.17 28.86
N TYR A 187 -1.43 9.63 27.71
CA TYR A 187 -2.35 9.77 26.56
C TYR A 187 -2.95 8.41 26.24
N ASP A 188 -4.23 8.36 26.15
CA ASP A 188 -4.96 7.10 25.92
C ASP A 188 -6.10 7.35 24.96
N PHE A 189 -6.91 6.34 24.70
CA PHE A 189 -8.00 6.49 23.73
C PHE A 189 -8.92 7.62 24.18
N ALA A 190 -9.27 7.70 25.46
CA ALA A 190 -10.20 8.74 25.91
C ALA A 190 -9.65 10.14 25.60
N ALA A 191 -8.36 10.37 25.83
CA ALA A 191 -7.78 11.67 25.50
C ALA A 191 -7.82 11.92 23.99
N TYR A 192 -7.44 10.91 23.22
CA TYR A 192 -7.50 11.04 21.75
C TYR A 192 -8.90 11.26 21.25
N ALA A 193 -9.89 10.61 21.80
CA ALA A 193 -11.29 10.83 21.35
C ALA A 193 -11.69 12.28 21.58
N GLY A 194 -11.25 12.87 22.68
CA GLY A 194 -11.57 14.28 22.94
C GLY A 194 -10.89 15.17 21.92
N ASP A 195 -9.61 14.88 21.58
CA ASP A 195 -8.94 15.65 20.54
C ASP A 195 -9.64 15.47 19.18
N TRP A 196 -9.94 14.23 18.84
CA TRP A 196 -10.56 13.91 17.53
C TRP A 196 -11.86 14.70 17.39
N GLN A 197 -12.69 14.67 18.43
CA GLN A 197 -13.97 15.39 18.35
C GLN A 197 -13.77 16.89 18.23
N ARG A 198 -12.81 17.47 18.90
CA ARG A 198 -12.55 18.92 18.79
C ARG A 198 -12.12 19.23 17.38
N PHE A 199 -11.23 18.45 16.80
CA PHE A 199 -10.80 18.68 15.39
C PHE A 199 -11.97 18.47 14.41
N PHE A 200 -12.67 17.36 14.54
CA PHE A 200 -13.82 17.05 13.68
C PHE A 200 -14.79 18.22 13.69
N THR A 201 -15.13 18.71 14.87
CA THR A 201 -16.15 19.78 14.95
C THR A 201 -15.63 21.03 14.28
N ALA A 202 -14.39 21.42 14.53
CA ALA A 202 -13.85 22.63 13.89
C ALA A 202 -13.82 22.46 12.37
N ILE A 203 -13.38 21.32 11.88
CA ILE A 203 -13.27 21.10 10.42
C ILE A 203 -14.64 21.14 9.80
N ARG A 204 -15.64 20.50 10.38
CA ARG A 204 -16.98 20.44 9.75
C ARG A 204 -17.62 21.83 9.74
N LYS A 205 -17.23 22.75 10.60
CA LYS A 205 -17.75 24.14 10.47
C LYS A 205 -17.24 24.77 9.19
N ARG A 206 -15.99 24.55 8.79
CA ARG A 206 -15.43 25.12 7.55
C ARG A 206 -15.76 24.25 6.34
N VAL A 207 -15.99 22.97 6.53
CA VAL A 207 -16.09 21.97 5.42
C VAL A 207 -17.21 21.00 5.78
N PRO A 208 -18.50 21.35 5.57
CA PRO A 208 -19.59 20.53 6.10
C PRO A 208 -19.63 19.11 5.55
N ASN A 209 -19.09 18.94 4.36
CA ASN A 209 -19.04 17.64 3.67
C ASN A 209 -17.69 16.93 3.89
N ALA A 210 -16.86 17.37 4.82
CA ALA A 210 -15.52 16.75 4.97
C ALA A 210 -15.67 15.27 5.31
N PRO A 211 -15.00 14.38 4.55
CA PRO A 211 -14.95 12.96 4.91
C PRO A 211 -13.75 12.63 5.79
N PHE A 212 -13.91 11.65 6.65
CA PHE A 212 -12.86 11.24 7.60
C PHE A 212 -12.61 9.73 7.53
N ALA A 213 -11.41 9.36 7.91
CA ALA A 213 -11.10 7.95 8.22
C ALA A 213 -10.23 7.96 9.44
N GLY A 214 -10.19 6.86 10.16
CA GLY A 214 -9.27 6.69 11.28
C GLY A 214 -9.33 5.29 11.82
N PRO A 215 -8.51 4.95 12.82
CA PRO A 215 -7.62 5.85 13.55
C PRO A 215 -6.20 5.93 13.01
N ASP A 216 -5.97 5.33 11.85
CA ASP A 216 -4.64 5.44 11.17
C ASP A 216 -3.56 4.84 12.01
N THR A 217 -3.83 3.64 12.47
CA THR A 217 -2.80 2.89 13.18
C THR A 217 -3.03 1.42 13.01
N ALA A 218 -2.06 0.68 13.52
CA ALA A 218 -2.18 -0.78 13.55
C ALA A 218 -3.39 -1.20 14.39
N TYR A 219 -4.13 -2.22 13.99
CA TYR A 219 -5.23 -2.80 14.76
C TYR A 219 -4.74 -3.00 16.19
N ASN A 220 -5.57 -2.54 17.13
CA ASN A 220 -5.36 -2.90 18.56
C ASN A 220 -6.68 -2.72 19.26
N THR A 221 -6.76 -3.30 20.43
CA THR A 221 -7.99 -3.36 21.20
C THR A 221 -8.20 -2.08 22.00
N LYS A 222 -7.14 -1.36 22.34
CA LYS A 222 -7.36 -0.18 23.23
C LYS A 222 -7.55 1.08 22.42
N TRP A 223 -7.36 1.05 21.10
CA TRP A 223 -7.50 2.26 20.26
C TRP A 223 -8.45 2.02 19.11
N LEU A 224 -8.19 1.05 18.25
CA LEU A 224 -8.94 0.99 16.97
C LEU A 224 -10.36 0.50 17.22
N VAL A 225 -10.54 -0.52 18.08
CA VAL A 225 -11.91 -1.03 18.38
C VAL A 225 -12.78 0.07 18.99
N PRO A 226 -12.34 0.79 20.04
CA PRO A 226 -13.19 1.84 20.60
C PRO A 226 -13.38 3.04 19.66
N PHE A 227 -12.40 3.32 18.83
CA PHE A 227 -12.54 4.39 17.82
C PHE A 227 -13.74 4.08 16.93
N ALA A 228 -13.77 2.84 16.40
CA ALA A 228 -14.86 2.48 15.49
C ALA A 228 -16.20 2.57 16.18
N ASP A 229 -16.26 2.11 17.42
CA ASP A 229 -17.58 2.16 18.16
C ASP A 229 -18.02 3.61 18.34
N LYS A 230 -17.12 4.50 18.72
CA LYS A 230 -17.48 5.89 19.10
C LYS A 230 -17.74 6.73 17.89
N PHE A 231 -16.97 6.53 16.79
CA PHE A 231 -16.99 7.47 15.65
C PHE A 231 -17.55 6.84 14.40
N LYS A 232 -18.28 5.75 14.51
CA LYS A 232 -18.77 5.05 13.29
C LYS A 232 -19.67 5.94 12.42
N HIS A 233 -20.39 6.91 12.97
CA HIS A 233 -21.24 7.74 12.09
C HIS A 233 -20.46 8.92 11.49
N ASP A 234 -19.24 9.13 11.94
CA ASP A 234 -18.43 10.32 11.59
C ASP A 234 -17.30 9.95 10.64
N VAL A 235 -17.08 8.68 10.33
CA VAL A 235 -16.01 8.30 9.36
C VAL A 235 -16.59 7.49 8.24
N LYS A 236 -15.86 7.44 7.14
CA LYS A 236 -16.27 6.68 5.96
C LYS A 236 -15.71 5.27 6.01
N PHE A 237 -14.58 5.07 6.63
CA PHE A 237 -13.91 3.73 6.69
C PHE A 237 -12.90 3.78 7.82
N ILE A 238 -12.49 2.60 8.23
CA ILE A 238 -11.41 2.37 9.22
C ILE A 238 -10.10 2.27 8.45
N SER A 239 -9.10 2.93 8.99
CA SER A 239 -7.72 2.96 8.46
C SER A 239 -6.78 2.31 9.45
N SER A 240 -6.08 1.31 8.95
CA SER A 240 -5.15 0.47 9.72
C SER A 240 -3.75 0.55 9.09
N HIS A 241 -2.74 0.29 9.91
CA HIS A 241 -1.34 0.13 9.45
C HIS A 241 -0.87 -1.30 9.65
N TYR A 242 0.13 -1.71 8.93
CA TYR A 242 0.74 -3.05 9.10
C TYR A 242 2.19 -3.02 8.67
N TYR A 243 3.09 -3.43 9.55
CA TYR A 243 4.49 -3.74 9.19
C TYR A 243 4.74 -5.20 9.52
N ALA A 244 5.38 -5.94 8.63
CA ALA A 244 5.67 -7.38 8.89
C ALA A 244 6.63 -7.52 10.03
N GLU A 245 7.57 -6.62 10.17
CA GLU A 245 8.46 -6.64 11.35
C GLU A 245 7.62 -6.44 12.62
N GLY A 246 7.83 -7.27 13.64
CA GLY A 246 7.14 -7.08 14.92
C GLY A 246 7.87 -6.10 15.82
N PRO A 247 7.53 -6.09 17.14
CA PRO A 247 8.23 -5.25 18.10
C PRO A 247 9.75 -5.42 18.07
N PRO A 248 10.50 -4.42 18.61
CA PRO A 248 11.97 -4.38 18.51
C PRO A 248 12.61 -5.61 19.18
N THR A 249 11.88 -6.24 20.09
CA THR A 249 12.34 -7.41 20.89
C THR A 249 12.24 -8.70 20.06
N ASP A 250 11.40 -8.67 19.01
CA ASP A 250 11.03 -9.85 18.19
C ASP A 250 12.28 -10.47 17.61
N PRO A 251 12.16 -11.76 17.21
CA PRO A 251 13.16 -12.35 16.32
C PRO A 251 13.20 -11.38 15.13
N SER A 252 14.37 -10.79 14.92
CA SER A 252 14.69 -9.78 13.90
C SER A 252 14.19 -10.22 12.51
N MET A 253 13.90 -9.24 11.63
CA MET A 253 13.33 -9.58 10.30
C MET A 253 14.46 -10.00 9.35
N THR A 254 14.24 -11.13 8.75
CA THR A 254 15.08 -11.67 7.68
C THR A 254 14.20 -11.90 6.47
N ILE A 255 14.82 -12.13 5.34
CA ILE A 255 14.07 -12.57 4.14
C ILE A 255 13.31 -13.86 4.45
N GLU A 256 13.96 -14.81 5.14
CA GLU A 256 13.31 -16.12 5.41
C GLU A 256 12.00 -15.87 6.18
N ARG A 257 12.06 -15.03 7.20
CA ARG A 257 10.85 -14.75 8.02
C ARG A 257 9.81 -14.00 7.18
N LEU A 258 10.25 -13.10 6.35
CA LEU A 258 9.31 -12.26 5.54
C LEU A 258 8.47 -13.15 4.63
N MET A 259 9.01 -14.27 4.14
CA MET A 259 8.27 -15.17 3.24
C MET A 259 7.22 -16.04 3.96
N LYS A 260 7.29 -16.09 5.27
CA LYS A 260 6.42 -17.00 6.07
C LYS A 260 5.12 -16.32 6.45
N PRO A 261 4.06 -17.05 6.75
CA PRO A 261 2.85 -16.46 7.28
C PRO A 261 3.17 -15.64 8.52
N ASN A 262 2.36 -14.62 8.73
CA ASN A 262 2.49 -13.74 9.91
C ASN A 262 1.23 -13.84 10.74
N PRO A 263 1.24 -14.61 11.85
CA PRO A 263 0.00 -14.80 12.61
C PRO A 263 -0.57 -13.49 13.17
N ARG A 264 0.27 -12.50 13.41
CA ARG A 264 -0.23 -11.20 13.88
C ARG A 264 -1.11 -10.60 12.75
N LEU A 265 -0.68 -10.66 11.49
CA LEU A 265 -1.44 -10.13 10.37
C LEU A 265 -2.79 -10.81 10.28
N LEU A 266 -2.84 -12.11 10.43
CA LEU A 266 -4.08 -12.85 10.32
C LEU A 266 -5.05 -12.44 11.43
N GLY A 267 -4.50 -12.26 12.62
CA GLY A 267 -5.34 -11.87 13.77
C GLY A 267 -5.87 -10.46 13.61
N GLU A 268 -5.00 -9.52 13.25
CA GLU A 268 -5.45 -8.11 13.08
C GLU A 268 -6.46 -7.99 11.94
N THR A 269 -6.27 -8.75 10.87
CA THR A 269 -7.24 -8.75 9.78
C THR A 269 -8.61 -9.25 10.28
N ALA A 270 -8.59 -10.36 11.04
CA ALA A 270 -9.84 -10.87 11.64
C ALA A 270 -10.46 -9.80 12.53
N GLY A 271 -9.66 -9.07 13.26
CA GLY A 271 -10.19 -8.00 14.12
C GLY A 271 -10.89 -6.93 13.28
N LEU A 272 -10.27 -6.54 12.14
CA LEU A 272 -10.87 -5.51 11.25
C LEU A 272 -12.17 -6.02 10.64
N LYS A 273 -12.21 -7.29 10.28
CA LYS A 273 -13.47 -7.87 9.78
C LYS A 273 -14.57 -7.83 10.85
N GLN A 274 -14.22 -8.07 12.09
CA GLN A 274 -15.24 -8.01 13.18
C GLN A 274 -15.72 -6.59 13.35
N VAL A 275 -14.79 -5.63 13.30
CA VAL A 275 -15.22 -4.20 13.36
C VAL A 275 -16.17 -3.89 12.21
N GLU A 276 -15.90 -4.33 10.99
CA GLU A 276 -16.79 -4.11 9.87
C GLU A 276 -18.16 -4.73 10.18
N ALA A 277 -18.20 -5.94 10.69
CA ALA A 277 -19.47 -6.59 11.00
C ALA A 277 -20.22 -5.76 12.04
N ASP A 278 -19.55 -5.23 13.04
CA ASP A 278 -20.16 -4.52 14.19
C ASP A 278 -20.65 -3.13 13.83
N THR A 279 -19.92 -2.44 12.98
CA THR A 279 -20.11 -0.99 12.73
C THR A 279 -20.56 -0.73 11.33
N GLY A 280 -20.42 -1.65 10.39
CA GLY A 280 -20.63 -1.38 8.96
C GLY A 280 -19.45 -0.75 8.27
N LEU A 281 -18.38 -0.40 8.97
CA LEU A 281 -17.26 0.35 8.34
C LEU A 281 -16.32 -0.59 7.58
N PRO A 282 -16.09 -0.35 6.29
CA PRO A 282 -15.03 -1.07 5.59
C PRO A 282 -13.66 -0.65 6.13
N PHE A 283 -12.63 -1.40 5.72
CA PHE A 283 -11.25 -1.10 6.21
C PHE A 283 -10.34 -0.99 4.99
N ARG A 284 -9.35 -0.11 5.12
CA ARG A 284 -8.24 0.03 4.16
C ARG A 284 -6.95 0.03 4.94
N LEU A 285 -5.92 -0.59 4.38
CA LEU A 285 -4.59 -0.62 4.97
C LEU A 285 -3.83 0.62 4.47
N THR A 286 -3.94 1.71 5.22
CA THR A 286 -3.50 3.04 4.72
C THR A 286 -2.00 3.27 4.86
N GLU A 287 -1.30 2.39 5.55
CA GLU A 287 0.18 2.49 5.62
C GLU A 287 0.76 1.13 5.91
N THR A 288 1.55 0.61 5.01
CA THR A 288 2.19 -0.69 5.20
C THR A 288 3.56 -0.71 4.56
N ASN A 289 4.48 -1.46 5.15
CA ASN A 289 5.66 -1.94 4.45
C ASN A 289 6.30 -3.04 5.26
N SER A 290 7.44 -3.48 4.79
CA SER A 290 8.06 -4.73 5.29
C SER A 290 8.62 -4.56 6.68
N CYS A 291 9.41 -3.52 6.92
N CYS A 291 9.33 -3.49 6.93
CA CYS A 291 10.18 -3.27 8.16
CA CYS A 291 10.11 -3.27 8.15
C CYS A 291 10.01 -1.81 8.52
C CYS A 291 10.01 -1.80 8.53
N TYR A 292 9.88 -1.49 9.81
CA TYR A 292 9.62 -0.10 10.22
C TYR A 292 10.96 0.58 10.37
N GLN A 293 10.91 1.81 10.88
CA GLN A 293 12.08 2.70 11.00
C GLN A 293 12.70 2.95 9.64
N GLY A 294 11.92 3.06 8.55
CA GLY A 294 12.26 3.29 7.15
C GLY A 294 12.83 2.08 6.41
N GLY A 295 12.72 0.90 7.02
CA GLY A 295 13.08 -0.33 6.31
C GLY A 295 14.43 -0.83 6.73
N LYS A 296 14.74 -2.02 6.31
CA LYS A 296 15.98 -2.73 6.68
C LYS A 296 16.77 -3.04 5.41
N GLN A 297 17.96 -2.47 5.26
CA GLN A 297 18.84 -2.79 4.12
C GLN A 297 19.12 -4.29 4.09
N GLY A 298 18.97 -4.90 2.92
CA GLY A 298 19.18 -6.33 2.71
C GLY A 298 17.92 -7.13 2.88
N VAL A 299 16.79 -6.47 3.20
CA VAL A 299 15.48 -7.13 3.30
C VAL A 299 14.50 -6.29 2.52
N SER A 300 14.25 -5.07 2.98
CA SER A 300 13.20 -4.22 2.40
C SER A 300 13.46 -3.78 0.97
N ASP A 301 14.73 -3.67 0.60
CA ASP A 301 15.14 -3.16 -0.72
C ASP A 301 15.47 -4.30 -1.68
N THR A 302 14.95 -5.50 -1.43
CA THR A 302 15.32 -6.69 -2.22
C THR A 302 14.15 -7.26 -2.98
N PHE A 303 14.44 -8.19 -3.88
CA PHE A 303 13.43 -8.89 -4.65
C PHE A 303 12.47 -9.62 -3.71
N ALA A 304 12.90 -10.12 -2.55
CA ALA A 304 11.94 -10.75 -1.61
C ALA A 304 10.81 -9.79 -1.29
N ALA A 305 11.05 -8.51 -1.23
CA ALA A 305 9.99 -7.54 -0.95
C ALA A 305 8.96 -7.49 -2.08
N ALA A 306 9.32 -7.73 -3.34
CA ALA A 306 8.32 -7.81 -4.41
C ALA A 306 7.37 -9.00 -4.14
N LEU A 307 7.93 -10.17 -3.83
CA LEU A 307 7.10 -11.36 -3.53
C LEU A 307 6.21 -11.05 -2.34
N TRP A 308 6.79 -10.52 -1.30
CA TRP A 308 6.02 -10.20 -0.06
C TRP A 308 4.88 -9.23 -0.40
N ALA A 309 5.18 -8.14 -1.10
CA ALA A 309 4.17 -7.07 -1.35
C ALA A 309 3.08 -7.59 -2.26
N GLY A 310 3.44 -8.30 -3.34
CA GLY A 310 2.40 -8.76 -4.27
C GLY A 310 1.49 -9.74 -3.56
N ASP A 311 2.06 -10.64 -2.78
CA ASP A 311 1.28 -11.63 -2.05
C ASP A 311 0.41 -10.95 -0.99
N LEU A 312 0.94 -9.95 -0.29
CA LEU A 312 0.15 -9.22 0.72
C LEU A 312 -1.06 -8.58 0.06
N MET A 313 -0.88 -7.94 -1.08
CA MET A 313 -2.01 -7.29 -1.78
C MET A 313 -3.17 -8.29 -1.95
N TYR A 314 -2.85 -9.48 -2.44
CA TYR A 314 -3.91 -10.49 -2.67
C TYR A 314 -4.43 -11.09 -1.38
N GLN A 315 -3.58 -11.34 -0.39
CA GLN A 315 -4.01 -11.89 0.92
C GLN A 315 -5.06 -10.93 1.49
N GLN A 316 -4.76 -9.63 1.49
CA GLN A 316 -5.66 -8.67 2.13
C GLN A 316 -6.89 -8.47 1.27
N ALA A 317 -6.81 -8.52 -0.05
CA ALA A 317 -7.99 -8.41 -0.94
C ALA A 317 -8.93 -9.61 -0.66
N ALA A 318 -8.36 -10.79 -0.50
CA ALA A 318 -9.14 -12.00 -0.25
C ALA A 318 -9.81 -11.88 1.09
N ALA A 319 -9.28 -11.15 2.04
CA ALA A 319 -9.83 -10.96 3.39
C ALA A 319 -10.89 -9.86 3.38
N GLY A 320 -11.12 -9.17 2.28
CA GLY A 320 -12.14 -8.11 2.16
C GLY A 320 -11.61 -6.72 2.39
N SER A 321 -10.30 -6.49 2.42
CA SER A 321 -9.82 -5.09 2.50
C SER A 321 -10.26 -4.28 1.28
N THR A 322 -10.51 -2.99 1.43
CA THR A 322 -10.83 -2.12 0.29
C THR A 322 -9.57 -1.62 -0.40
N GLY A 323 -8.39 -1.78 0.17
CA GLY A 323 -7.19 -1.28 -0.51
C GLY A 323 -6.01 -1.20 0.41
N ILE A 324 -4.91 -0.72 -0.17
CA ILE A 324 -3.59 -0.76 0.45
C ILE A 324 -2.81 0.48 0.05
N ASN A 325 -1.85 0.87 0.88
CA ASN A 325 -1.00 2.02 0.57
C ASN A 325 0.38 1.70 1.13
N PHE A 326 1.33 1.36 0.23
CA PHE A 326 2.69 1.02 0.62
C PHE A 326 3.47 2.31 0.89
N HIS A 327 4.02 2.45 2.09
CA HIS A 327 4.74 3.66 2.49
C HIS A 327 6.07 3.73 1.75
N GLY A 328 6.52 4.97 1.55
CA GLY A 328 7.74 5.18 0.74
C GLY A 328 8.08 6.62 0.64
N GLY A 329 8.85 6.92 -0.40
CA GLY A 329 9.39 8.26 -0.69
C GLY A 329 10.90 8.27 -0.61
N GLY A 330 11.47 9.40 -0.99
CA GLY A 330 12.92 9.61 -0.96
C GLY A 330 13.60 8.44 -1.65
N TYR A 331 14.59 7.93 -0.94
CA TYR A 331 15.34 6.73 -1.30
C TYR A 331 15.20 5.70 -0.19
N GLY A 332 14.07 5.74 0.51
CA GLY A 332 13.91 4.82 1.67
C GLY A 332 14.12 3.37 1.29
N TRP A 333 14.62 2.59 2.22
CA TRP A 333 14.88 1.17 1.92
C TRP A 333 13.65 0.47 1.38
N TYR A 334 12.46 0.78 1.88
CA TYR A 334 11.26 0.04 1.44
C TYR A 334 10.44 0.77 0.37
N THR A 335 10.88 1.90 -0.15
CA THR A 335 10.02 2.65 -1.08
C THR A 335 9.78 1.88 -2.36
N PRO A 336 8.54 1.83 -2.86
CA PRO A 336 8.29 1.31 -4.20
C PRO A 336 8.95 2.08 -5.32
N VAL A 337 8.90 3.39 -5.25
CA VAL A 337 9.48 4.33 -6.24
C VAL A 337 10.46 5.20 -5.48
N ALA A 338 11.68 5.28 -6.00
CA ALA A 338 12.74 6.12 -5.41
C ALA A 338 13.04 7.28 -6.35
N GLY A 339 13.52 8.39 -5.81
CA GLY A 339 14.07 9.45 -6.65
C GLY A 339 13.55 10.80 -6.31
N THR A 340 13.88 11.76 -7.17
CA THR A 340 13.59 13.19 -6.95
C THR A 340 13.21 13.79 -8.28
N PRO A 341 12.52 14.96 -8.34
CA PRO A 341 12.31 15.61 -9.62
C PRO A 341 13.59 16.02 -10.37
N GLU A 342 14.61 16.35 -9.64
CA GLU A 342 15.87 16.84 -10.28
C GLU A 342 16.67 15.65 -10.81
N ASP A 343 16.65 14.51 -10.11
CA ASP A 343 17.56 13.37 -10.43
C ASP A 343 16.81 12.30 -11.18
N GLY A 344 15.51 12.31 -11.19
CA GLY A 344 14.70 11.25 -11.79
C GLY A 344 14.26 10.17 -10.79
N PHE A 345 13.31 9.40 -11.24
CA PHE A 345 12.71 8.34 -10.43
C PHE A 345 12.95 6.97 -11.04
N ILE A 346 13.00 5.96 -10.16
CA ILE A 346 13.24 4.55 -10.55
C ILE A 346 12.33 3.62 -9.76
N ALA A 347 11.92 2.52 -10.35
CA ALA A 347 11.18 1.46 -9.66
C ALA A 347 12.15 0.60 -8.86
N ARG A 348 11.93 0.48 -7.60
CA ARG A 348 12.65 -0.44 -6.73
C ARG A 348 12.02 -1.82 -6.80
N PRO A 349 12.69 -2.84 -6.19
CA PRO A 349 12.15 -4.21 -6.34
C PRO A 349 10.69 -4.32 -5.90
N GLU A 350 10.30 -3.73 -4.78
CA GLU A 350 8.91 -3.94 -4.29
C GLU A 350 7.91 -3.51 -5.35
N TYR A 351 8.18 -2.49 -6.16
CA TYR A 351 7.29 -2.00 -7.23
C TYR A 351 6.83 -3.13 -8.11
N TYR A 352 7.72 -4.08 -8.41
CA TYR A 352 7.43 -5.15 -9.35
C TYR A 352 6.38 -6.10 -8.81
N GLY A 353 6.28 -6.27 -7.51
CA GLY A 353 5.14 -7.06 -6.96
C GLY A 353 3.85 -6.34 -7.14
N MET A 354 3.85 -5.02 -6.94
CA MET A 354 2.65 -4.20 -7.20
C MET A 354 2.30 -4.19 -8.68
N LEU A 355 3.30 -4.23 -9.57
CA LEU A 355 3.08 -4.25 -11.02
C LEU A 355 2.41 -5.57 -11.42
N LEU A 356 2.74 -6.67 -10.81
CA LEU A 356 2.07 -7.95 -11.16
C LEU A 356 0.58 -7.78 -10.84
N PHE A 357 0.26 -7.24 -9.67
CA PHE A 357 -1.15 -7.01 -9.27
C PHE A 357 -1.80 -6.10 -10.29
N ALA A 358 -1.15 -5.01 -10.69
CA ALA A 358 -1.68 -4.06 -11.66
C ALA A 358 -2.07 -4.78 -12.94
N GLN A 359 -1.19 -5.63 -13.45
CA GLN A 359 -1.35 -6.30 -14.77
C GLN A 359 -2.47 -7.30 -14.64
N ALA A 360 -2.69 -7.89 -13.50
CA ALA A 360 -3.77 -8.86 -13.30
C ALA A 360 -5.09 -8.13 -13.46
N GLY A 361 -5.20 -6.93 -12.92
CA GLY A 361 -6.45 -6.15 -12.93
C GLY A 361 -7.46 -6.62 -11.92
N ALA A 362 -8.60 -5.97 -11.89
CA ALA A 362 -9.67 -6.19 -10.90
C ALA A 362 -10.53 -7.36 -11.35
N GLY A 363 -11.42 -7.73 -10.46
CA GLY A 363 -12.33 -8.84 -10.71
C GLY A 363 -12.66 -9.48 -9.41
N GLN A 364 -13.25 -10.67 -9.49
CA GLN A 364 -13.71 -11.38 -8.30
C GLN A 364 -12.81 -12.55 -8.03
N LEU A 365 -12.32 -12.64 -6.80
CA LEU A 365 -11.47 -13.75 -6.37
C LEU A 365 -12.27 -15.07 -6.38
N LEU A 366 -11.57 -16.15 -6.69
CA LEU A 366 -12.16 -17.52 -6.78
C LEU A 366 -11.42 -18.44 -5.83
N GLY A 367 -11.98 -19.60 -5.53
CA GLY A 367 -11.27 -20.62 -4.78
C GLY A 367 -10.10 -21.13 -5.58
N ALA A 368 -8.95 -21.28 -4.89
CA ALA A 368 -7.71 -21.77 -5.48
C ALA A 368 -7.01 -22.55 -4.38
N LYS A 369 -7.22 -23.86 -4.36
CA LYS A 369 -6.72 -24.71 -3.26
C LYS A 369 -5.46 -25.44 -3.72
N LEU A 370 -4.43 -25.37 -2.89
CA LEU A 370 -3.16 -26.09 -3.12
C LEU A 370 -3.16 -27.42 -2.36
N THR A 371 -2.65 -28.44 -3.01
CA THR A 371 -2.47 -29.79 -2.39
C THR A 371 -1.05 -30.28 -2.66
N ASP A 372 -0.67 -31.31 -1.89
CA ASP A 372 0.64 -32.01 -2.02
C ASP A 372 1.77 -30.99 -1.88
N ASN A 373 1.54 -29.99 -1.02
CA ASN A 373 2.41 -28.79 -1.01
C ASN A 373 3.14 -28.64 0.31
N SER A 374 3.14 -29.64 1.22
CA SER A 374 3.83 -29.50 2.51
C SER A 374 5.36 -29.34 2.35
N ALA A 375 5.98 -29.78 1.25
CA ALA A 375 7.43 -29.56 1.02
C ALA A 375 7.71 -28.22 0.29
N ALA A 376 6.67 -27.51 -0.06
CA ALA A 376 6.76 -26.17 -0.71
C ALA A 376 5.72 -25.27 -0.04
N PRO A 377 5.77 -25.13 1.29
CA PRO A 377 4.63 -24.54 2.00
C PRO A 377 4.43 -23.03 1.83
N LEU A 378 5.46 -22.32 1.33
CA LEU A 378 5.38 -20.85 1.18
C LEU A 378 4.90 -20.51 -0.22
N LEU A 379 4.52 -21.43 -1.08
CA LEU A 379 3.83 -21.09 -2.35
C LEU A 379 2.44 -20.63 -2.01
N THR A 380 2.05 -19.49 -2.53
CA THR A 380 0.65 -19.01 -2.47
C THR A 380 0.11 -18.84 -3.88
N ALA A 381 -1.22 -18.90 -3.98
CA ALA A 381 -1.90 -18.77 -5.25
C ALA A 381 -3.26 -18.14 -5.07
N TYR A 382 -3.62 -17.30 -6.03
CA TYR A 382 -4.92 -16.60 -6.03
C TYR A 382 -5.46 -16.65 -7.43
N ALA A 383 -6.73 -17.02 -7.57
CA ALA A 383 -7.42 -17.07 -8.85
C ALA A 383 -8.44 -15.95 -8.90
N LEU A 384 -8.62 -15.38 -10.09
CA LEU A 384 -9.46 -14.17 -10.31
C LEU A 384 -10.30 -14.33 -11.56
N ARG A 385 -11.60 -14.06 -11.49
CA ARG A 385 -12.37 -13.80 -12.71
C ARG A 385 -12.31 -12.33 -13.02
N GLY A 386 -11.54 -11.99 -14.03
CA GLY A 386 -11.30 -10.57 -14.34
C GLY A 386 -12.57 -9.89 -14.77
N THR A 387 -12.61 -8.59 -14.60
CA THR A 387 -13.76 -7.79 -15.09
C THR A 387 -13.94 -8.03 -16.59
N ASP A 388 -12.90 -8.31 -17.38
CA ASP A 388 -13.01 -8.59 -18.83
C ASP A 388 -13.50 -10.04 -19.10
N GLY A 389 -13.78 -10.84 -18.06
CA GLY A 389 -14.31 -12.22 -18.13
C GLY A 389 -13.22 -13.27 -18.19
N ARG A 390 -11.93 -12.94 -18.32
CA ARG A 390 -10.84 -13.92 -18.42
C ARG A 390 -10.34 -14.34 -17.04
N THR A 391 -10.02 -15.60 -16.83
CA THR A 391 -9.46 -16.11 -15.58
C THR A 391 -7.96 -15.76 -15.55
N ARG A 392 -7.54 -15.27 -14.40
CA ARG A 392 -6.10 -15.08 -14.09
C ARG A 392 -5.77 -15.83 -12.83
N ILE A 393 -4.48 -16.19 -12.70
CA ILE A 393 -3.94 -16.80 -11.47
C ILE A 393 -2.65 -16.07 -11.17
N ALA A 394 -2.53 -15.56 -9.96
CA ALA A 394 -1.28 -14.96 -9.42
C ALA A 394 -0.67 -15.95 -8.46
N LEU A 395 0.58 -16.34 -8.73
CA LEU A 395 1.30 -17.30 -7.87
C LEU A 395 2.56 -16.67 -7.34
N PHE A 396 2.85 -16.92 -6.09
CA PHE A 396 4.09 -16.43 -5.44
C PHE A 396 4.78 -17.64 -4.83
N ASN A 397 5.85 -18.06 -5.54
CA ASN A 397 6.68 -19.17 -5.00
C ASN A 397 7.69 -18.56 -4.03
N LYS A 398 7.27 -18.34 -2.78
N LYS A 398 7.27 -18.34 -2.78
CA LYS A 398 8.10 -17.70 -1.73
CA LYS A 398 8.10 -17.71 -1.73
C LYS A 398 9.02 -18.71 -1.07
C LYS A 398 9.01 -18.71 -1.06
N ASN A 399 8.97 -19.97 -1.47
CA ASN A 399 9.97 -20.96 -1.00
C ASN A 399 11.35 -20.54 -1.53
N LEU A 400 12.29 -20.33 -0.64
CA LEU A 400 13.62 -19.84 -1.04
C LEU A 400 14.49 -20.96 -1.61
N ASP A 401 14.14 -22.22 -1.33
CA ASP A 401 15.05 -23.33 -1.75
C ASP A 401 14.29 -24.38 -2.53
N ALA A 402 13.02 -24.23 -2.86
CA ALA A 402 12.24 -25.25 -3.58
C ALA A 402 11.64 -24.70 -4.88
N ASP A 403 12.02 -25.21 -6.03
CA ASP A 403 11.28 -25.04 -7.29
C ASP A 403 9.96 -25.81 -7.19
N VAL A 404 8.94 -25.41 -7.93
CA VAL A 404 7.65 -26.12 -7.89
C VAL A 404 7.20 -26.38 -9.31
N GLU A 405 6.40 -27.46 -9.39
CA GLU A 405 5.68 -27.83 -10.63
C GLU A 405 4.22 -27.91 -10.23
N VAL A 406 3.45 -27.01 -10.80
CA VAL A 406 2.04 -26.82 -10.38
C VAL A 406 1.12 -27.41 -11.44
N ALA A 407 0.36 -28.43 -11.04
CA ALA A 407 -0.66 -29.05 -11.91
C ALA A 407 -1.98 -28.32 -11.66
N ILE A 408 -2.43 -27.59 -12.66
CA ILE A 408 -3.59 -26.68 -12.50
C ILE A 408 -4.83 -27.34 -13.10
N SER A 409 -5.81 -27.52 -12.24
CA SER A 409 -7.14 -28.08 -12.63
C SER A 409 -8.21 -27.02 -12.40
N GLY A 410 -9.33 -27.17 -13.08
CA GLY A 410 -10.49 -26.30 -12.88
C GLY A 410 -10.54 -25.13 -13.80
N VAL A 411 -9.60 -25.04 -14.71
CA VAL A 411 -9.61 -24.00 -15.76
C VAL A 411 -9.79 -24.68 -17.12
N ALA A 412 -10.76 -24.25 -17.88
CA ALA A 412 -11.03 -24.69 -19.26
C ALA A 412 -10.75 -23.54 -20.22
N SER A 413 -9.66 -23.61 -20.97
CA SER A 413 -9.24 -22.56 -21.89
C SER A 413 -8.40 -23.19 -22.99
N PRO A 414 -8.47 -22.62 -24.20
CA PRO A 414 -7.59 -23.09 -25.27
C PRO A 414 -6.15 -22.62 -25.12
N SER A 415 -5.87 -21.58 -24.31
CA SER A 415 -4.51 -20.99 -24.29
C SER A 415 -4.27 -20.22 -22.98
N GLY A 416 -3.20 -20.58 -22.30
CA GLY A 416 -2.74 -19.77 -21.16
C GLY A 416 -1.37 -19.20 -21.43
N THR A 417 -1.15 -17.97 -20.97
CA THR A 417 0.18 -17.34 -21.05
C THR A 417 0.64 -17.04 -19.63
N VAL A 418 1.94 -16.91 -19.46
CA VAL A 418 2.57 -16.64 -18.15
C VAL A 418 3.49 -15.43 -18.33
N LEU A 419 3.40 -14.50 -17.38
CA LEU A 419 4.39 -13.41 -17.13
C LEU A 419 5.11 -13.73 -15.85
N ARG A 420 6.42 -13.79 -15.86
CA ARG A 420 7.17 -14.18 -14.65
C ARG A 420 7.77 -12.97 -13.96
N LEU A 421 7.74 -13.01 -12.64
CA LEU A 421 8.35 -12.02 -11.72
C LEU A 421 9.61 -12.68 -11.20
N GLU A 422 10.76 -12.10 -11.55
CA GLU A 422 12.06 -12.82 -11.45
C GLU A 422 13.20 -11.91 -10.99
N ALA A 423 14.10 -12.53 -10.22
CA ALA A 423 15.44 -11.97 -9.98
C ALA A 423 16.38 -13.15 -9.79
N PRO A 424 17.69 -12.99 -9.98
CA PRO A 424 18.58 -14.15 -9.87
C PRO A 424 18.80 -14.62 -8.45
N ARG A 425 18.52 -13.80 -7.43
CA ARG A 425 18.67 -14.17 -6.02
C ARG A 425 17.58 -13.42 -5.25
N ALA A 426 17.17 -13.98 -4.14
CA ALA A 426 16.07 -13.42 -3.34
C ALA A 426 16.47 -12.11 -2.73
N ASP A 427 17.74 -11.92 -2.45
CA ASP A 427 18.26 -10.71 -1.78
C ASP A 427 18.80 -9.72 -2.82
N ASP A 428 18.49 -9.87 -4.09
CA ASP A 428 18.97 -8.90 -5.09
C ASP A 428 18.31 -7.56 -4.86
N THR A 429 19.09 -6.50 -5.06
CA THR A 429 18.62 -5.10 -4.96
C THR A 429 18.28 -4.56 -6.34
N THR A 430 18.63 -5.32 -7.38
CA THR A 430 18.44 -4.95 -8.76
C THR A 430 18.20 -6.28 -9.50
N ASP A 431 18.30 -6.22 -10.78
CA ASP A 431 18.15 -7.38 -11.66
C ASP A 431 16.72 -7.92 -11.61
N VAL A 432 15.75 -7.09 -11.28
CA VAL A 432 14.35 -7.56 -11.17
C VAL A 432 13.63 -7.28 -12.46
N THR A 433 12.89 -8.28 -12.93
CA THR A 433 12.11 -8.15 -14.14
C THR A 433 10.69 -8.69 -13.93
N PHE A 434 9.79 -8.23 -14.76
CA PHE A 434 8.44 -8.81 -14.85
C PHE A 434 8.08 -8.92 -16.32
N GLY A 435 7.64 -10.11 -16.71
CA GLY A 435 7.34 -10.33 -18.12
C GLY A 435 8.60 -10.15 -19.00
N GLY A 436 9.75 -10.48 -18.47
CA GLY A 436 11.01 -10.42 -19.23
C GLY A 436 11.51 -9.01 -19.45
N ALA A 437 11.05 -8.02 -18.69
CA ALA A 437 11.51 -6.62 -18.88
C ALA A 437 11.60 -5.92 -17.56
N PRO A 438 12.57 -5.00 -17.41
CA PRO A 438 12.54 -4.04 -16.33
C PRO A 438 11.51 -2.97 -16.65
N VAL A 439 11.08 -2.25 -15.61
CA VAL A 439 10.36 -0.99 -15.74
C VAL A 439 11.38 0.09 -16.14
N GLY A 440 10.99 0.92 -17.07
CA GLY A 440 11.86 2.00 -17.56
C GLY A 440 11.57 3.30 -16.89
N ALA A 441 11.89 4.37 -17.58
CA ALA A 441 11.68 5.71 -17.11
C ALA A 441 10.18 6.00 -17.07
N SER A 442 9.77 6.78 -16.05
CA SER A 442 8.38 7.31 -15.96
C SER A 442 7.40 6.15 -15.88
N GLY A 443 7.80 5.01 -15.33
CA GLY A 443 6.88 3.88 -15.20
C GLY A 443 6.63 3.12 -16.48
N SER A 444 7.42 3.36 -17.53
CA SER A 444 7.16 2.66 -18.81
C SER A 444 7.40 1.15 -18.63
N TRP A 445 6.46 0.32 -19.07
CA TRP A 445 6.63 -1.13 -18.95
C TRP A 445 5.75 -1.77 -19.99
N SER A 446 6.32 -2.77 -20.66
N SER A 446 6.26 -2.83 -20.60
CA SER A 446 5.64 -3.69 -21.59
CA SER A 446 5.44 -3.73 -21.44
C SER A 446 6.25 -5.06 -21.41
C SER A 446 6.22 -5.03 -21.54
N PRO A 447 5.51 -6.16 -21.58
CA PRO A 447 6.16 -7.46 -21.54
C PRO A 447 6.96 -7.71 -22.80
N LEU A 448 8.10 -8.37 -22.64
CA LEU A 448 8.99 -8.68 -23.80
C LEU A 448 9.11 -10.18 -23.99
N VAL A 449 8.66 -10.99 -23.05
CA VAL A 449 8.84 -12.47 -23.24
C VAL A 449 7.45 -13.12 -23.31
N GLN A 450 7.11 -13.87 -24.39
CA GLN A 450 5.81 -14.58 -24.46
C GLN A 450 6.06 -16.04 -24.09
N GLU A 451 5.35 -16.59 -23.08
CA GLU A 451 5.51 -17.99 -22.70
C GLU A 451 4.09 -18.55 -22.57
N TYR A 452 3.79 -19.62 -23.30
CA TYR A 452 2.51 -20.37 -23.12
C TYR A 452 2.70 -21.36 -21.99
N VAL A 453 1.61 -21.65 -21.29
CA VAL A 453 1.62 -22.67 -20.22
C VAL A 453 1.17 -23.97 -20.89
N PRO A 454 1.96 -25.07 -20.84
CA PRO A 454 1.50 -26.29 -21.52
C PRO A 454 0.22 -26.87 -20.90
N GLY A 455 -0.66 -27.38 -21.77
CA GLY A 455 -2.01 -27.86 -21.40
C GLY A 455 -2.28 -29.28 -21.87
N GLY A 458 -8.59 -29.38 -20.40
CA GLY A 458 -8.20 -30.16 -19.23
C GLY A 458 -7.38 -29.33 -18.27
N GLN A 459 -6.08 -29.62 -18.19
CA GLN A 459 -5.17 -29.16 -17.14
C GLN A 459 -3.98 -28.46 -17.76
N PHE A 460 -3.27 -27.74 -16.90
CA PHE A 460 -2.07 -26.98 -17.27
C PHE A 460 -1.01 -27.36 -16.27
N VAL A 461 0.24 -27.24 -16.70
CA VAL A 461 1.39 -27.52 -15.81
C VAL A 461 2.35 -26.36 -15.90
N LEU A 462 2.58 -25.71 -14.77
CA LEU A 462 3.49 -24.54 -14.67
C LEU A 462 4.67 -24.88 -13.78
N HIS A 463 5.89 -24.69 -14.29
CA HIS A 463 7.07 -24.71 -13.42
C HIS A 463 7.29 -23.30 -12.90
N MET A 464 7.79 -23.22 -11.71
CA MET A 464 8.32 -21.93 -11.15
C MET A 464 9.62 -22.20 -10.39
N ARG A 465 10.58 -21.36 -10.64
CA ARG A 465 11.83 -21.42 -9.86
C ARG A 465 11.55 -21.08 -8.41
N LYS A 466 12.38 -21.52 -7.48
CA LYS A 466 12.44 -20.98 -6.11
C LYS A 466 12.46 -19.44 -6.18
N ALA A 467 11.75 -18.84 -5.24
CA ALA A 467 11.82 -17.38 -5.07
C ALA A 467 11.47 -16.70 -6.38
N SER A 468 10.25 -16.89 -6.87
CA SER A 468 9.74 -16.29 -8.10
C SER A 468 8.24 -16.07 -8.01
N GLY A 469 7.72 -15.29 -8.94
CA GLY A 469 6.26 -15.11 -9.06
C GLY A 469 5.79 -15.29 -10.46
N ALA A 470 4.50 -15.48 -10.66
CA ALA A 470 3.94 -15.68 -11.99
C ALA A 470 2.54 -15.14 -12.05
N LEU A 471 2.20 -14.61 -13.18
CA LEU A 471 0.81 -14.20 -13.51
C LEU A 471 0.40 -14.99 -14.73
N LEU A 472 -0.66 -15.77 -14.58
CA LEU A 472 -1.22 -16.56 -15.70
C LEU A 472 -2.48 -15.89 -16.16
N GLU A 473 -2.69 -15.83 -17.46
CA GLU A 473 -3.91 -15.30 -18.08
C GLU A 473 -4.42 -16.33 -19.08
N PHE A 474 -5.68 -16.69 -18.97
CA PHE A 474 -6.28 -17.72 -19.84
C PHE A 474 -7.24 -17.07 -20.82
N ALA A 475 -7.14 -17.43 -22.10
N ALA A 475 -7.15 -17.47 -22.10
CA ALA A 475 -8.09 -16.97 -23.16
CA ALA A 475 -8.09 -17.03 -23.16
C ALA A 475 -9.43 -17.72 -23.02
C ALA A 475 -9.54 -17.38 -22.74
#